data_6LI0
#
_entry.id   6LI0
#
_cell.length_a   59.970
_cell.length_b   88.360
_cell.length_c   156.280
_cell.angle_alpha   90.00
_cell.angle_beta   90.00
_cell.angle_gamma   90.00
#
_symmetry.space_group_name_H-M   'P 21 21 21'
#
loop_
_entity.id
_entity.type
_entity.pdbx_description
1 polymer 'Chimera of G-protein coupled receptor 52 and Flavodoxin'
2 non-polymer N-(2-hydroxyethyl)-5-(hydroxymethyl)-3-methyl-1-[2-[[3-(trifluoromethyl)phenyl]methyl]-1-benzothiophen-7-yl]pyrazole-4-carboxamide
3 non-polymer 'FLAVIN MONONUCLEOTIDE'
4 non-polymer '(2R)-2,3-dihydroxypropyl (9Z)-octadec-9-enoate'
5 non-polymer DI(HYDROXYETHYL)ETHER
6 non-polymer 'CITRATE ANION'
7 water water
#
_entity_poly.entity_id   1
_entity_poly.type   'polypeptide(L)'
_entity_poly.pdbx_seq_one_letter_code
;GGIVNVSERHSCPLGFGHYSVVDVCIFETVVIVLLTFLIIAGNLTVIFVFHCAPLLHHYTTSYFIQTMAYADLFVGVSCL
VPTLSLLHYSTGVHESLTCQVFGYIISVLKSVSMWCLACISVDRYLAITKPLSYNQLVTPCRLRICIILIWIYSCLIFLP
SFFGWGKPGYHGDIFEWCATSWLTSAYFTGFIVCLLYAPAAFVVCFTYFHIFKICRQHTKEAKALIVYGSTTGNTEYTAE
TIARELADAGYEVDSRDAASVEAGGLFEGFDLVLLGCSTWGDDSIELQDDFIPLFDSLEETGAQGRKVACFGCGDSSWEY
FCGAVDAIEEKLKNLGAEIVQDGLRIDGDPRAARDDIVGWAHDVRGAIRRYLMVLFRITSVFYMLQLPYIIYFLLESSRV
LDNPTLSFLTTWLAISNSFCNPVIYALSDSTFRLGLRRLSETMCTSCMEFLEVLFQGPHHHHHHHHHH
;
_entity_poly.pdbx_strand_id   A
#
loop_
_chem_comp.id
_chem_comp.type
_chem_comp.name
_chem_comp.formula
EN6 non-polymer N-(2-hydroxyethyl)-5-(hydroxymethyl)-3-methyl-1-[2-[[3-(trifluoromethyl)phenyl]methyl]-1-benzothiophen-7-yl]pyrazole-4-carboxamide 'C24 H22 F3 N3 O3 S'
FLC non-polymer 'CITRATE ANION' 'C6 H5 O7 -3'
FMN non-polymer 'FLAVIN MONONUCLEOTIDE' 'C17 H21 N4 O9 P'
OLC non-polymer '(2R)-2,3-dihydroxypropyl (9Z)-octadec-9-enoate' 'C21 H40 O4'
PEG non-polymer DI(HYDROXYETHYL)ETHER 'C4 H10 O3'
#
# COMPACT_ATOMS: atom_id res chain seq x y z
N VAL A 6 -33.48 -35.81 -6.00
CA VAL A 6 -32.02 -35.88 -5.71
C VAL A 6 -31.28 -35.50 -7.00
N SER A 7 -30.12 -34.87 -6.86
CA SER A 7 -29.22 -34.39 -7.95
C SER A 7 -29.97 -33.59 -9.05
N GLU A 8 -30.82 -32.65 -8.63
CA GLU A 8 -31.44 -31.59 -9.49
C GLU A 8 -30.37 -30.59 -9.95
N ARG A 9 -30.56 -29.95 -11.11
CA ARG A 9 -29.48 -29.18 -11.76
C ARG A 9 -29.90 -27.70 -11.84
N HIS A 10 -28.91 -26.80 -11.82
CA HIS A 10 -29.08 -25.33 -11.90
C HIS A 10 -28.07 -24.82 -12.91
N SER A 11 -28.43 -23.83 -13.72
CA SER A 11 -27.44 -23.31 -14.72
C SER A 11 -26.31 -22.55 -13.98
N CYS A 12 -25.12 -22.59 -14.55
CA CYS A 12 -23.97 -21.84 -13.98
C CYS A 12 -24.16 -20.33 -14.16
N PRO A 13 -23.57 -19.50 -13.27
CA PRO A 13 -23.73 -18.04 -13.31
C PRO A 13 -23.18 -17.34 -14.57
N LEU A 14 -22.07 -17.81 -15.15
CA LEU A 14 -21.50 -17.12 -16.34
C LEU A 14 -22.10 -17.73 -17.60
N GLY A 15 -23.19 -18.47 -17.44
CA GLY A 15 -24.13 -18.75 -18.55
C GLY A 15 -23.98 -20.14 -19.14
N PHE A 16 -22.83 -20.81 -18.93
CA PHE A 16 -22.58 -22.10 -19.64
C PHE A 16 -22.36 -23.25 -18.65
N GLY A 17 -23.04 -24.36 -18.89
CA GLY A 17 -22.94 -25.56 -18.04
C GLY A 17 -24.04 -25.60 -17.00
N HIS A 18 -24.04 -26.63 -16.18
CA HIS A 18 -25.00 -26.72 -15.05
C HIS A 18 -24.22 -27.13 -13.78
N TYR A 19 -24.77 -26.87 -12.60
CA TYR A 19 -24.15 -27.34 -11.34
C TYR A 19 -25.22 -28.12 -10.54
N SER A 20 -24.76 -29.08 -9.79
CA SER A 20 -25.62 -29.88 -8.89
C SER A 20 -24.73 -30.36 -7.75
N VAL A 21 -25.25 -31.27 -6.97
CA VAL A 21 -24.47 -31.82 -5.82
C VAL A 21 -23.31 -32.64 -6.41
N VAL A 22 -23.30 -32.86 -7.73
CA VAL A 22 -22.22 -33.71 -8.31
C VAL A 22 -21.58 -32.95 -9.49
N ASP A 23 -22.29 -31.97 -10.06
CA ASP A 23 -21.71 -31.21 -11.22
C ASP A 23 -21.14 -29.86 -10.76
N VAL A 24 -19.95 -29.52 -11.24
CA VAL A 24 -19.22 -28.28 -10.86
C VAL A 24 -19.14 -27.32 -12.07
N CYS A 25 -19.32 -26.02 -11.83
CA CYS A 25 -19.12 -24.99 -12.89
C CYS A 25 -17.61 -24.82 -13.03
N ILE A 26 -17.03 -25.38 -14.10
CA ILE A 26 -15.54 -25.39 -14.26
C ILE A 26 -15.03 -24.00 -14.58
N PHE A 27 -15.66 -23.27 -15.52
CA PHE A 27 -15.12 -21.95 -15.92
C PHE A 27 -15.06 -21.01 -14.71
N GLU A 28 -16.16 -20.93 -13.96
CA GLU A 28 -16.29 -20.10 -12.72
C GLU A 28 -15.21 -20.49 -11.69
N THR A 29 -14.95 -21.79 -11.50
CA THR A 29 -13.92 -22.28 -10.54
C THR A 29 -12.52 -21.85 -10.95
N VAL A 30 -12.22 -21.95 -12.24
CA VAL A 30 -10.88 -21.61 -12.78
C VAL A 30 -10.60 -20.12 -12.60
N VAL A 31 -11.59 -19.24 -12.84
CA VAL A 31 -11.31 -17.77 -12.82
C VAL A 31 -11.09 -17.36 -11.34
N ILE A 32 -11.73 -18.03 -10.40
CA ILE A 32 -11.39 -17.85 -8.97
C ILE A 32 -9.96 -18.31 -8.71
N VAL A 33 -9.55 -19.46 -9.25
CA VAL A 33 -8.21 -20.04 -8.95
C VAL A 33 -7.16 -19.09 -9.49
N LEU A 34 -7.40 -18.53 -10.67
CA LEU A 34 -6.34 -17.65 -11.28
C LEU A 34 -6.21 -16.36 -10.45
N LEU A 35 -7.32 -15.90 -9.88
CA LEU A 35 -7.27 -14.67 -9.04
C LEU A 35 -6.50 -14.99 -7.73
N THR A 36 -6.74 -16.13 -7.12
CA THR A 36 -6.03 -16.46 -5.86
C THR A 36 -4.52 -16.51 -6.14
N PHE A 37 -4.11 -16.96 -7.32
CA PHE A 37 -2.65 -16.99 -7.61
C PHE A 37 -2.08 -15.57 -7.51
N LEU A 38 -2.75 -14.60 -8.12
CA LEU A 38 -2.30 -13.19 -8.07
C LEU A 38 -2.30 -12.68 -6.63
N ILE A 39 -3.40 -12.90 -5.89
CA ILE A 39 -3.52 -12.44 -4.49
C ILE A 39 -2.34 -12.99 -3.68
N ILE A 40 -2.03 -14.29 -3.83
CA ILE A 40 -0.95 -14.95 -3.01
C ILE A 40 0.40 -14.34 -3.40
N ALA A 41 0.69 -14.29 -4.70
CA ALA A 41 2.00 -13.76 -5.20
C ALA A 41 2.22 -12.31 -4.78
N GLY A 42 1.18 -11.52 -4.95
CA GLY A 42 1.32 -10.09 -4.64
C GLY A 42 1.52 -9.88 -3.14
N ASN A 43 0.74 -10.57 -2.31
CA ASN A 43 0.85 -10.31 -0.86
C ASN A 43 2.18 -10.89 -0.31
N LEU A 44 2.63 -12.03 -0.82
CA LEU A 44 3.94 -12.56 -0.37
C LEU A 44 5.05 -11.56 -0.73
N THR A 45 4.97 -10.92 -1.91
CA THR A 45 6.00 -9.92 -2.34
C THR A 45 5.99 -8.70 -1.39
N VAL A 46 4.82 -8.22 -1.05
CA VAL A 46 4.78 -7.07 -0.09
C VAL A 46 5.37 -7.48 1.26
N ILE A 47 4.99 -8.65 1.77
CA ILE A 47 5.50 -9.09 3.10
C ILE A 47 7.04 -9.23 2.99
N PHE A 48 7.52 -9.84 1.91
CA PHE A 48 8.97 -10.12 1.80
C PHE A 48 9.72 -8.78 1.78
N VAL A 49 9.37 -7.90 0.83
CA VAL A 49 10.11 -6.62 0.63
C VAL A 49 10.07 -5.77 1.90
N PHE A 50 8.94 -5.68 2.57
CA PHE A 50 8.85 -4.89 3.83
C PHE A 50 9.87 -5.38 4.88
N HIS A 51 9.99 -6.68 5.03
CA HIS A 51 10.78 -7.28 6.15
C HIS A 51 12.23 -7.41 5.68
N CYS A 52 12.46 -8.16 4.61
CA CYS A 52 13.86 -8.40 4.17
C CYS A 52 14.48 -7.10 3.65
N ALA A 53 13.97 -6.47 2.59
CA ALA A 53 14.48 -5.10 2.32
C ALA A 53 14.08 -4.22 3.50
N PRO A 54 14.97 -3.41 4.08
CA PRO A 54 14.58 -2.66 5.26
C PRO A 54 13.56 -1.62 4.74
N LEU A 55 12.34 -1.62 5.28
CA LEU A 55 11.29 -0.64 4.90
C LEU A 55 10.79 0.06 6.18
N LEU A 56 11.55 1.07 6.63
CA LEU A 56 11.50 1.53 8.04
C LEU A 56 10.69 2.83 8.16
N HIS A 57 10.41 3.55 7.07
CA HIS A 57 9.64 4.83 7.25
C HIS A 57 8.18 4.49 7.60
N HIS A 58 7.52 5.36 8.38
CA HIS A 58 6.09 5.14 8.75
C HIS A 58 5.95 3.73 9.34
N TYR A 59 6.83 3.47 10.27
CA TYR A 59 6.91 2.22 11.06
C TYR A 59 5.49 1.88 11.51
N THR A 60 4.79 2.89 12.04
CA THR A 60 3.52 2.72 12.78
C THR A 60 2.41 2.35 11.80
N THR A 61 2.28 3.13 10.73
CA THR A 61 1.31 2.84 9.65
C THR A 61 1.62 1.47 9.02
N SER A 62 2.89 1.09 8.89
CA SER A 62 3.23 -0.25 8.35
C SER A 62 2.68 -1.41 9.19
N TYR A 63 2.27 -1.18 10.44
CA TYR A 63 1.58 -2.27 11.19
C TYR A 63 0.28 -2.63 10.47
N PHE A 64 -0.46 -1.59 10.06
CA PHE A 64 -1.75 -1.85 9.39
C PHE A 64 -1.51 -2.38 7.95
N ILE A 65 -0.54 -1.83 7.22
CA ILE A 65 -0.28 -2.28 5.83
C ILE A 65 0.14 -3.77 5.86
N GLN A 66 0.97 -4.18 6.84
CA GLN A 66 1.39 -5.61 6.92
C GLN A 66 0.25 -6.53 7.38
N THR A 67 -0.58 -6.08 8.33
CA THR A 67 -1.79 -6.85 8.74
C THR A 67 -2.69 -7.07 7.50
N MET A 68 -2.85 -6.04 6.66
CA MET A 68 -3.69 -6.18 5.45
C MET A 68 -3.05 -7.17 4.47
N ALA A 69 -1.74 -7.04 4.24
CA ALA A 69 -1.06 -8.02 3.36
C ALA A 69 -1.24 -9.46 3.85
N TYR A 70 -1.21 -9.69 5.16
CA TYR A 70 -1.46 -11.06 5.71
C TYR A 70 -2.93 -11.45 5.56
N ALA A 71 -3.86 -10.57 5.95
CA ALA A 71 -5.30 -10.90 5.77
C ALA A 71 -5.60 -11.24 4.28
N ASP A 72 -5.00 -10.51 3.35
CA ASP A 72 -5.18 -10.71 1.88
C ASP A 72 -4.50 -12.03 1.44
N LEU A 73 -3.29 -12.34 1.93
CA LEU A 73 -2.66 -13.64 1.67
C LEU A 73 -3.65 -14.73 2.11
N PHE A 74 -4.30 -14.52 3.27
CA PHE A 74 -5.19 -15.59 3.81
C PHE A 74 -6.47 -15.71 2.98
N VAL A 75 -6.94 -14.60 2.39
CA VAL A 75 -8.11 -14.67 1.45
C VAL A 75 -7.69 -15.55 0.24
N GLY A 76 -6.52 -15.28 -0.34
CA GLY A 76 -6.06 -16.04 -1.51
C GLY A 76 -6.01 -17.52 -1.21
N VAL A 77 -5.31 -17.89 -0.13
CA VAL A 77 -5.20 -19.34 0.19
C VAL A 77 -6.57 -19.95 0.54
N SER A 78 -7.35 -19.25 1.34
CA SER A 78 -8.67 -19.75 1.78
C SER A 78 -9.52 -20.04 0.56
N CYS A 79 -9.48 -19.18 -0.45
CA CYS A 79 -10.28 -19.39 -1.68
C CYS A 79 -9.65 -20.50 -2.54
N LEU A 80 -8.33 -20.55 -2.64
CA LEU A 80 -7.70 -21.60 -3.51
C LEU A 80 -8.02 -23.04 -3.07
N VAL A 81 -8.21 -23.29 -1.77
CA VAL A 81 -8.37 -24.67 -1.23
C VAL A 81 -9.69 -25.28 -1.67
N PRO A 82 -10.89 -24.71 -1.41
CA PRO A 82 -12.15 -25.32 -1.86
C PRO A 82 -12.34 -25.29 -3.40
N THR A 83 -11.74 -24.32 -4.08
CA THR A 83 -11.90 -24.25 -5.55
C THR A 83 -11.05 -25.35 -6.18
N LEU A 84 -9.85 -25.60 -5.65
CA LEU A 84 -9.00 -26.67 -6.24
C LEU A 84 -9.70 -28.01 -5.96
N SER A 85 -10.25 -28.14 -4.77
CA SER A 85 -10.94 -29.36 -4.29
C SER A 85 -12.16 -29.59 -5.18
N LEU A 86 -12.93 -28.53 -5.51
CA LEU A 86 -14.07 -28.69 -6.44
C LEU A 86 -13.56 -29.12 -7.85
N LEU A 87 -12.42 -28.60 -8.32
CA LEU A 87 -11.90 -29.01 -9.66
C LEU A 87 -11.55 -30.49 -9.65
N HIS A 88 -11.22 -31.05 -8.48
N HIS A 88 -11.23 -31.04 -8.47
CA HIS A 88 -10.82 -32.49 -8.44
CA HIS A 88 -10.83 -32.48 -8.32
C HIS A 88 -12.09 -33.34 -8.30
C HIS A 88 -12.11 -33.31 -8.32
N TYR A 89 -12.98 -33.02 -7.36
CA TYR A 89 -14.24 -33.77 -7.25
C TYR A 89 -15.16 -33.10 -6.25
N SER A 90 -16.43 -33.42 -6.42
CA SER A 90 -17.50 -33.06 -5.46
C SER A 90 -17.83 -34.35 -4.71
N THR A 91 -18.28 -34.20 -3.48
CA THR A 91 -18.60 -35.32 -2.57
C THR A 91 -19.92 -36.01 -2.97
N GLY A 92 -20.77 -35.34 -3.73
CA GLY A 92 -22.13 -35.87 -4.01
C GLY A 92 -23.09 -35.58 -2.88
N VAL A 93 -22.70 -34.76 -1.88
CA VAL A 93 -23.64 -34.44 -0.74
C VAL A 93 -23.68 -32.92 -0.52
N HIS A 94 -24.61 -32.50 0.34
CA HIS A 94 -24.78 -31.10 0.72
C HIS A 94 -23.65 -30.70 1.66
N GLU A 95 -22.79 -29.79 1.22
CA GLU A 95 -21.67 -29.28 2.06
C GLU A 95 -22.15 -28.14 2.96
N SER A 96 -23.15 -28.37 3.80
CA SER A 96 -23.73 -27.30 4.66
C SER A 96 -22.67 -26.66 5.58
N LEU A 97 -21.97 -27.44 6.43
CA LEU A 97 -20.99 -26.83 7.37
C LEU A 97 -19.78 -26.25 6.61
N THR A 98 -19.20 -26.98 5.66
CA THR A 98 -18.03 -26.50 4.89
C THR A 98 -18.27 -25.10 4.29
N CYS A 99 -19.39 -24.90 3.59
CA CYS A 99 -19.65 -23.58 2.94
C CYS A 99 -19.93 -22.51 4.00
N GLN A 100 -20.55 -22.92 5.10
CA GLN A 100 -20.81 -22.02 6.25
C GLN A 100 -19.47 -21.58 6.87
N VAL A 101 -18.50 -22.48 6.99
CA VAL A 101 -17.17 -22.21 7.60
C VAL A 101 -16.36 -21.38 6.59
N PHE A 102 -16.38 -21.80 5.32
CA PHE A 102 -15.63 -21.01 4.30
C PHE A 102 -16.16 -19.55 4.22
N GLY A 103 -17.48 -19.39 4.24
CA GLY A 103 -18.09 -18.07 4.09
C GLY A 103 -17.77 -17.17 5.26
N TYR A 104 -17.68 -17.78 6.45
CA TYR A 104 -17.33 -17.07 7.70
C TYR A 104 -15.89 -16.51 7.62
N ILE A 105 -14.93 -17.34 7.23
CA ILE A 105 -13.48 -16.99 7.17
C ILE A 105 -13.30 -15.81 6.21
N ILE A 106 -13.90 -15.87 5.03
CA ILE A 106 -13.67 -14.81 4.02
C ILE A 106 -14.27 -13.49 4.53
N SER A 107 -15.42 -13.56 5.14
CA SER A 107 -16.09 -12.36 5.69
C SER A 107 -15.21 -11.75 6.77
N VAL A 108 -14.61 -12.60 7.62
CA VAL A 108 -13.78 -12.08 8.75
C VAL A 108 -12.55 -11.37 8.16
N LEU A 109 -11.92 -11.99 7.18
CA LEU A 109 -10.68 -11.45 6.60
C LEU A 109 -10.99 -10.14 5.88
N LYS A 110 -12.09 -10.04 5.13
CA LYS A 110 -12.44 -8.77 4.42
C LYS A 110 -12.76 -7.66 5.45
N SER A 111 -13.32 -8.05 6.59
CA SER A 111 -13.58 -7.07 7.66
C SER A 111 -12.26 -6.54 8.22
N VAL A 112 -11.28 -7.41 8.35
CA VAL A 112 -9.97 -7.01 8.93
C VAL A 112 -9.36 -5.93 8.03
N SER A 113 -9.27 -6.21 6.73
CA SER A 113 -8.69 -5.25 5.77
C SER A 113 -9.47 -3.93 5.89
N MET A 114 -10.78 -4.03 5.97
CA MET A 114 -11.63 -2.80 5.96
C MET A 114 -11.32 -1.99 7.23
N TRP A 115 -11.16 -2.66 8.36
CA TRP A 115 -10.88 -1.90 9.61
C TRP A 115 -9.43 -1.40 9.62
N CYS A 116 -8.50 -2.10 8.95
CA CYS A 116 -7.10 -1.55 8.82
C CYS A 116 -7.10 -0.21 8.04
N LEU A 117 -7.87 -0.12 6.97
CA LEU A 117 -7.93 1.16 6.23
C LEU A 117 -8.56 2.26 7.07
N ALA A 118 -9.57 1.94 7.86
CA ALA A 118 -10.17 2.99 8.71
C ALA A 118 -9.13 3.49 9.73
N CYS A 119 -8.32 2.57 10.28
CA CYS A 119 -7.30 2.98 11.29
C CYS A 119 -6.16 3.77 10.62
N ILE A 120 -5.76 3.42 9.39
CA ILE A 120 -4.73 4.17 8.63
C ILE A 120 -5.17 5.63 8.46
N SER A 121 -6.44 5.86 8.14
CA SER A 121 -6.95 7.24 7.89
C SER A 121 -6.85 8.05 9.22
N VAL A 122 -7.19 7.44 10.34
CA VAL A 122 -7.10 8.12 11.66
C VAL A 122 -5.62 8.30 12.03
N ASP A 123 -4.80 7.28 11.84
CA ASP A 123 -3.33 7.40 12.03
C ASP A 123 -2.78 8.62 11.27
N ARG A 124 -3.17 8.79 10.00
CA ARG A 124 -2.65 9.91 9.17
C ARG A 124 -3.25 11.25 9.67
N TYR A 125 -4.52 11.27 10.06
CA TYR A 125 -5.13 12.48 10.65
C TYR A 125 -4.31 12.95 11.86
N LEU A 126 -3.90 12.04 12.74
CA LEU A 126 -3.08 12.40 13.94
C LEU A 126 -1.67 12.84 13.55
N ALA A 127 -1.04 12.17 12.58
CA ALA A 127 0.35 12.52 12.20
C ALA A 127 0.39 13.91 11.58
N ILE A 128 -0.71 14.35 10.95
CA ILE A 128 -0.73 15.63 10.21
C ILE A 128 -1.04 16.76 11.21
N THR A 129 -2.03 16.57 12.08
CA THR A 129 -2.57 17.68 12.91
C THR A 129 -1.69 17.80 14.14
N LYS A 130 -1.13 16.68 14.61
CA LYS A 130 -0.41 16.66 15.92
C LYS A 130 0.88 15.88 15.77
N PRO A 131 1.82 16.26 14.87
CA PRO A 131 3.02 15.45 14.68
C PRO A 131 3.85 15.20 15.95
N LEU A 132 3.92 16.14 16.91
CA LEU A 132 4.72 15.84 18.15
C LEU A 132 3.95 14.85 19.06
N SER A 133 2.67 15.08 19.33
CA SER A 133 1.85 14.11 20.10
C SER A 133 1.92 12.72 19.43
N TYR A 134 1.88 12.68 18.10
CA TYR A 134 1.84 11.40 17.36
C TYR A 134 3.05 10.56 17.73
N ASN A 135 4.22 11.17 17.52
CA ASN A 135 5.54 10.56 17.83
C ASN A 135 5.48 9.90 19.21
N GLN A 136 4.97 10.61 20.23
CA GLN A 136 5.12 10.16 21.65
C GLN A 136 3.92 9.29 22.08
N LEU A 137 2.84 9.21 21.33
CA LEU A 137 1.62 8.49 21.86
C LEU A 137 1.12 7.37 20.91
N VAL A 138 1.47 7.33 19.63
CA VAL A 138 1.07 6.15 18.78
C VAL A 138 2.22 5.14 18.86
N THR A 139 2.22 4.27 19.88
CA THR A 139 3.32 3.33 20.20
C THR A 139 3.03 1.92 19.65
N PRO A 140 4.06 1.05 19.52
CA PRO A 140 3.84 -0.34 19.15
C PRO A 140 2.82 -1.09 20.03
N CYS A 141 2.83 -0.82 21.33
CA CYS A 141 1.92 -1.55 22.25
C CYS A 141 0.46 -1.18 21.89
N ARG A 142 0.21 0.10 21.66
CA ARG A 142 -1.16 0.55 21.35
C ARG A 142 -1.55 0.03 19.97
N LEU A 143 -0.57 -0.06 19.03
CA LEU A 143 -0.82 -0.56 17.65
C LEU A 143 -1.18 -2.06 17.69
N ARG A 144 -0.57 -2.83 18.60
CA ARG A 144 -0.89 -4.27 18.72
C ARG A 144 -2.31 -4.42 19.28
N ILE A 145 -2.68 -3.56 20.23
CA ILE A 145 -4.03 -3.71 20.87
C ILE A 145 -5.08 -3.40 19.80
N CYS A 146 -4.82 -2.36 19.02
CA CYS A 146 -5.74 -2.01 17.92
C CYS A 146 -5.90 -3.21 16.97
N ILE A 147 -4.80 -3.83 16.54
CA ILE A 147 -4.90 -4.97 15.59
C ILE A 147 -5.63 -6.17 16.24
N ILE A 148 -5.38 -6.45 17.54
CA ILE A 148 -6.06 -7.58 18.24
C ILE A 148 -7.56 -7.31 18.24
N LEU A 149 -7.95 -6.06 18.50
CA LEU A 149 -9.41 -5.71 18.57
C LEU A 149 -10.08 -5.84 17.19
N ILE A 150 -9.35 -5.59 16.10
CA ILE A 150 -9.88 -5.68 14.70
C ILE A 150 -10.19 -7.17 14.40
N TRP A 151 -9.27 -8.08 14.71
CA TRP A 151 -9.47 -9.53 14.57
C TRP A 151 -10.65 -9.99 15.44
N ILE A 152 -10.64 -9.68 16.74
CA ILE A 152 -11.71 -10.21 17.63
C ILE A 152 -13.04 -9.67 17.12
N TYR A 153 -13.14 -8.36 16.85
CA TYR A 153 -14.44 -7.75 16.47
C TYR A 153 -14.94 -8.34 15.13
N SER A 154 -14.01 -8.65 14.23
CA SER A 154 -14.35 -9.19 12.90
C SER A 154 -14.96 -10.60 13.09
N CYS A 155 -14.37 -11.39 14.00
CA CYS A 155 -14.87 -12.75 14.31
C CYS A 155 -16.26 -12.70 14.94
N LEU A 156 -16.50 -11.70 15.78
CA LEU A 156 -17.77 -11.59 16.56
C LEU A 156 -18.94 -11.20 15.66
N ILE A 157 -18.74 -10.26 14.72
CA ILE A 157 -19.93 -9.77 13.95
C ILE A 157 -20.45 -10.88 13.00
N PHE A 158 -19.60 -11.79 12.53
CA PHE A 158 -20.08 -12.83 11.58
C PHE A 158 -20.44 -14.13 12.32
N LEU A 159 -20.27 -14.14 13.65
CA LEU A 159 -20.56 -15.32 14.50
C LEU A 159 -22.02 -15.77 14.36
N PRO A 160 -23.03 -14.88 14.24
CA PRO A 160 -24.43 -15.30 14.11
C PRO A 160 -24.74 -16.21 12.93
N SER A 161 -23.92 -16.14 11.87
CA SER A 161 -24.18 -17.05 10.72
C SER A 161 -24.17 -18.52 11.15
N PHE A 162 -23.74 -18.80 12.38
CA PHE A 162 -23.68 -20.21 12.86
C PHE A 162 -24.91 -20.48 13.75
N PHE A 163 -25.62 -19.42 14.13
CA PHE A 163 -26.75 -19.48 15.09
C PHE A 163 -28.10 -19.15 14.42
N GLY A 164 -28.25 -19.46 13.13
CA GLY A 164 -29.58 -19.40 12.47
C GLY A 164 -30.03 -18.02 12.03
N TRP A 165 -29.15 -17.01 11.98
CA TRP A 165 -29.60 -15.66 11.58
C TRP A 165 -29.65 -15.50 10.05
N GLY A 166 -29.03 -16.41 9.30
CA GLY A 166 -29.03 -16.30 7.84
C GLY A 166 -27.64 -16.26 7.25
N LYS A 167 -27.58 -16.21 5.92
CA LYS A 167 -26.31 -16.22 5.17
C LYS A 167 -25.65 -14.83 5.20
N PRO A 168 -24.37 -14.73 5.61
CA PRO A 168 -23.67 -13.45 5.75
C PRO A 168 -23.02 -12.90 4.47
N GLY A 169 -23.10 -13.65 3.38
CA GLY A 169 -22.47 -13.25 2.11
C GLY A 169 -22.63 -14.35 1.09
N TYR A 170 -21.98 -14.22 -0.07
CA TYR A 170 -22.19 -15.14 -1.21
C TYR A 170 -20.90 -15.91 -1.40
N HIS A 171 -19.85 -15.57 -0.65
CA HIS A 171 -18.53 -16.27 -0.83
C HIS A 171 -18.65 -17.80 -0.86
N GLY A 172 -19.54 -18.38 -0.05
CA GLY A 172 -19.65 -19.86 0.04
C GLY A 172 -20.55 -20.44 -1.05
N ASP A 173 -21.08 -19.58 -1.91
CA ASP A 173 -22.04 -20.03 -2.95
C ASP A 173 -21.26 -20.82 -4.02
N ILE A 174 -19.93 -20.93 -3.94
CA ILE A 174 -19.26 -21.99 -4.77
C ILE A 174 -19.76 -23.38 -4.34
N PHE A 175 -20.41 -23.50 -3.19
CA PHE A 175 -20.98 -24.80 -2.74
C PHE A 175 -22.48 -24.79 -2.95
N GLU A 176 -22.96 -25.80 -3.65
CA GLU A 176 -24.35 -25.94 -4.16
C GLU A 176 -25.34 -25.69 -3.01
N TRP A 177 -25.07 -26.17 -1.81
CA TRP A 177 -26.08 -26.07 -0.72
C TRP A 177 -26.19 -24.59 -0.34
N CYS A 178 -25.05 -23.89 -0.24
CA CYS A 178 -25.05 -22.45 0.13
C CYS A 178 -25.79 -21.62 -0.94
N ALA A 179 -25.53 -21.89 -2.21
CA ALA A 179 -26.16 -21.14 -3.33
C ALA A 179 -27.68 -21.38 -3.35
N THR A 180 -28.12 -22.63 -3.17
CA THR A 180 -29.58 -22.94 -3.34
C THR A 180 -30.33 -22.98 -2.00
N SER A 181 -29.74 -23.50 -0.93
CA SER A 181 -30.57 -23.78 0.26
C SER A 181 -30.32 -22.78 1.38
N TRP A 182 -29.22 -22.04 1.34
CA TRP A 182 -28.98 -21.10 2.48
C TRP A 182 -29.39 -19.68 2.04
N LEU A 183 -30.24 -19.02 2.81
CA LEU A 183 -30.85 -17.74 2.45
C LEU A 183 -30.27 -16.62 3.31
N THR A 184 -30.14 -15.45 2.70
CA THR A 184 -29.82 -14.21 3.40
C THR A 184 -31.09 -13.73 4.12
N SER A 185 -30.91 -12.85 5.09
CA SER A 185 -31.97 -12.24 5.91
C SER A 185 -31.77 -10.73 5.93
N ALA A 186 -32.85 -9.96 5.75
CA ALA A 186 -32.78 -8.49 5.84
C ALA A 186 -32.27 -8.09 7.22
N TYR A 187 -32.59 -8.89 8.25
CA TYR A 187 -32.22 -8.48 9.62
C TYR A 187 -30.71 -8.68 9.82
N PHE A 188 -30.16 -9.79 9.34
CA PHE A 188 -28.70 -10.06 9.48
C PHE A 188 -27.88 -9.12 8.56
N THR A 189 -28.35 -8.87 7.34
CA THR A 189 -27.67 -7.93 6.43
C THR A 189 -27.67 -6.55 7.09
N GLY A 190 -28.80 -6.18 7.69
CA GLY A 190 -28.92 -4.89 8.39
C GLY A 190 -27.93 -4.79 9.53
N PHE A 191 -27.72 -5.91 10.22
CA PHE A 191 -26.78 -6.00 11.37
C PHE A 191 -25.34 -5.81 10.85
N ILE A 192 -24.98 -6.58 9.82
CA ILE A 192 -23.63 -6.47 9.19
C ILE A 192 -23.39 -5.03 8.70
N VAL A 193 -24.39 -4.40 8.08
CA VAL A 193 -24.19 -3.04 7.54
C VAL A 193 -23.99 -2.09 8.73
N CYS A 194 -24.74 -2.29 9.81
CA CYS A 194 -24.63 -1.38 10.98
C CYS A 194 -23.30 -1.56 11.72
N LEU A 195 -22.81 -2.80 11.84
CA LEU A 195 -21.63 -3.02 12.72
C LEU A 195 -20.35 -3.02 11.87
N LEU A 196 -20.44 -3.10 10.53
CA LEU A 196 -19.18 -3.13 9.73
C LEU A 196 -19.22 -2.10 8.60
N TYR A 197 -20.10 -2.27 7.59
CA TYR A 197 -19.99 -1.48 6.33
C TYR A 197 -20.15 0.02 6.62
N ALA A 198 -21.19 0.42 7.35
CA ALA A 198 -21.50 1.85 7.56
C ALA A 198 -20.47 2.52 8.48
N PRO A 199 -20.14 1.96 9.67
CA PRO A 199 -19.13 2.58 10.53
C PRO A 199 -17.71 2.68 9.92
N ALA A 200 -17.23 1.62 9.27
CA ALA A 200 -15.86 1.64 8.66
C ALA A 200 -15.79 2.66 7.53
N ALA A 201 -16.82 2.73 6.69
CA ALA A 201 -16.90 3.69 5.57
C ALA A 201 -17.03 5.12 6.14
N PHE A 202 -17.80 5.27 7.19
CA PHE A 202 -17.94 6.62 7.79
C PHE A 202 -16.60 7.11 8.33
N VAL A 203 -15.81 6.24 8.98
CA VAL A 203 -14.53 6.71 9.58
C VAL A 203 -13.59 7.20 8.43
N VAL A 204 -13.55 6.49 7.34
CA VAL A 204 -12.62 6.81 6.23
C VAL A 204 -13.09 8.12 5.57
N CYS A 205 -14.40 8.25 5.36
CA CYS A 205 -14.92 9.43 4.60
C CYS A 205 -14.74 10.69 5.45
N PHE A 206 -15.19 10.64 6.71
CA PHE A 206 -15.10 11.76 7.70
C PHE A 206 -13.63 12.17 7.87
N THR A 207 -12.75 11.17 7.96
CA THR A 207 -11.32 11.42 8.27
C THR A 207 -10.65 12.00 7.05
N TYR A 208 -10.90 11.44 5.88
CA TYR A 208 -10.16 12.01 4.71
C TYR A 208 -10.76 13.36 4.35
N PHE A 209 -12.04 13.60 4.65
CA PHE A 209 -12.64 14.96 4.47
C PHE A 209 -11.84 15.99 5.29
N HIS A 210 -11.60 15.72 6.57
CA HIS A 210 -10.77 16.64 7.39
C HIS A 210 -9.30 16.72 6.93
N ILE A 211 -8.67 15.59 6.62
CA ILE A 211 -7.28 15.59 6.06
C ILE A 211 -7.18 16.55 4.86
N PHE A 212 -8.15 16.52 3.92
CA PHE A 212 -8.04 17.29 2.65
C PHE A 212 -8.39 18.78 2.87
N LYS A 213 -8.84 19.15 4.07
CA LYS A 213 -9.22 20.54 4.43
C LYS A 213 -8.05 21.18 5.20
N ILE A 214 -7.06 20.40 5.60
CA ILE A 214 -6.06 20.94 6.55
C ILE A 214 -5.06 21.79 5.78
N CYS A 215 -4.78 22.99 6.30
CA CYS A 215 -3.71 23.90 5.82
C CYS A 215 -3.03 24.55 7.03
N ARG A 216 -1.79 24.14 7.28
CA ARG A 216 -0.92 24.50 8.42
C ARG A 216 0.00 25.66 8.05
N GLN A 217 0.24 25.90 6.75
CA GLN A 217 1.19 26.98 6.34
C GLN A 217 0.60 27.75 5.15
N HIS A 218 0.30 29.05 5.31
CA HIS A 218 -0.26 29.86 4.19
C HIS A 218 0.81 30.75 3.57
N THR A 219 1.95 30.89 4.26
CA THR A 219 3.09 31.79 3.86
C THR A 219 3.98 31.07 2.85
N LYS A 220 3.97 29.73 2.86
CA LYS A 220 4.89 28.90 2.06
C LYS A 220 4.20 27.56 1.86
N GLU A 221 4.52 26.87 0.76
CA GLU A 221 4.12 25.46 0.54
C GLU A 221 4.68 24.58 1.66
N ALA A 222 5.97 24.72 1.94
CA ALA A 222 6.72 23.91 2.92
C ALA A 222 8.13 24.48 2.97
N LYS A 223 8.97 24.05 3.91
CA LYS A 223 10.37 24.48 3.83
C LYS A 223 11.28 23.29 3.48
N ALA A 224 12.06 23.49 2.39
CA ALA A 224 13.01 22.52 1.81
C ALA A 224 14.46 22.95 2.11
N LEU A 225 15.28 21.99 2.48
CA LEU A 225 16.75 22.19 2.51
C LEU A 225 17.40 21.51 1.30
N ILE A 226 18.26 22.24 0.60
CA ILE A 226 19.10 21.66 -0.50
C ILE A 226 20.56 21.73 -0.03
N VAL A 227 21.18 20.56 0.13
CA VAL A 227 22.63 20.50 0.45
C VAL A 227 23.32 19.84 -0.73
N TYR A 228 24.36 20.48 -1.26
CA TYR A 228 25.07 19.97 -2.46
C TYR A 228 26.59 19.94 -2.23
N GLY A 229 27.20 18.88 -2.76
CA GLY A 229 28.65 18.72 -2.93
C GLY A 229 29.03 18.84 -4.42
N SER A 230 29.88 19.80 -4.76
CA SER A 230 30.24 20.12 -6.16
C SER A 230 31.71 20.55 -6.27
N THR A 231 32.47 19.88 -7.12
CA THR A 231 33.90 20.25 -7.30
C THR A 231 34.04 21.15 -8.54
N THR A 232 33.40 20.82 -9.68
CA THR A 232 33.54 21.71 -10.87
C THR A 232 32.23 22.50 -11.14
N GLY A 233 31.25 22.51 -10.24
CA GLY A 233 30.08 23.40 -10.36
C GLY A 233 28.85 22.76 -11.06
N ASN A 234 28.93 21.49 -11.48
CA ASN A 234 27.77 20.87 -12.19
C ASN A 234 26.62 20.58 -11.22
N THR A 235 26.92 20.06 -10.03
CA THR A 235 25.87 19.70 -9.04
C THR A 235 25.35 20.99 -8.39
N GLU A 236 26.23 22.00 -8.29
CA GLU A 236 25.83 23.35 -7.81
C GLU A 236 24.81 23.93 -8.78
N TYR A 237 25.07 23.84 -10.08
CA TYR A 237 24.12 24.35 -11.13
C TYR A 237 22.80 23.58 -11.03
N THR A 238 22.90 22.25 -10.84
CA THR A 238 21.67 21.40 -10.75
C THR A 238 20.92 21.84 -9.50
N ALA A 239 21.66 22.08 -8.43
CA ALA A 239 21.04 22.48 -7.15
C ALA A 239 20.31 23.80 -7.35
N GLU A 240 20.93 24.71 -8.10
CA GLU A 240 20.43 26.11 -8.23
C GLU A 240 19.19 26.07 -9.11
N THR A 241 19.23 25.27 -10.17
CA THR A 241 18.03 25.06 -11.02
C THR A 241 16.87 24.45 -10.18
N ILE A 242 17.16 23.49 -9.28
CA ILE A 242 16.09 22.83 -8.48
C ILE A 242 15.54 23.85 -7.48
N ALA A 243 16.44 24.59 -6.81
CA ALA A 243 16.07 25.63 -5.82
C ALA A 243 15.14 26.67 -6.46
N ARG A 244 15.44 27.14 -7.68
CA ARG A 244 14.61 28.20 -8.31
C ARG A 244 13.24 27.60 -8.69
N GLU A 245 13.18 26.33 -9.09
CA GLU A 245 11.85 25.74 -9.45
C GLU A 245 10.94 25.67 -8.19
N LEU A 246 11.52 25.28 -7.04
CA LEU A 246 10.75 25.14 -5.79
C LEU A 246 10.36 26.51 -5.26
N ALA A 247 11.29 27.49 -5.34
CA ALA A 247 11.01 28.88 -4.87
C ALA A 247 9.84 29.47 -5.64
N ASP A 248 9.83 29.33 -6.97
CA ASP A 248 8.72 29.82 -7.84
C ASP A 248 7.40 29.15 -7.45
N ALA A 249 7.43 27.91 -6.97
CA ALA A 249 6.21 27.15 -6.58
C ALA A 249 5.81 27.53 -5.15
N GLY A 250 6.56 28.42 -4.51
CA GLY A 250 6.18 28.94 -3.18
C GLY A 250 6.88 28.27 -1.99
N TYR A 251 7.89 27.43 -2.24
CA TYR A 251 8.62 26.78 -1.11
C TYR A 251 9.59 27.80 -0.49
N GLU A 252 9.79 27.69 0.81
CA GLU A 252 10.94 28.32 1.49
C GLU A 252 12.15 27.42 1.23
N VAL A 253 13.05 27.88 0.37
CA VAL A 253 14.24 27.08 -0.03
C VAL A 253 15.53 27.63 0.61
N ASP A 254 16.21 26.77 1.33
CA ASP A 254 17.52 27.03 2.00
C ASP A 254 18.58 26.15 1.31
N SER A 255 19.36 26.70 0.37
CA SER A 255 20.39 25.93 -0.38
C SER A 255 21.77 26.23 0.20
N ARG A 256 22.52 25.20 0.55
CA ARG A 256 23.81 25.32 1.29
C ARG A 256 24.84 24.37 0.70
N ASP A 257 26.05 24.88 0.42
CA ASP A 257 27.22 24.04 0.03
C ASP A 257 27.57 23.09 1.20
N ALA A 258 27.85 21.81 0.91
CA ALA A 258 28.22 20.82 1.94
C ALA A 258 29.49 21.25 2.69
N ALA A 259 30.35 22.03 2.02
CA ALA A 259 31.63 22.49 2.61
C ALA A 259 31.37 23.34 3.87
N SER A 260 30.28 24.09 3.84
CA SER A 260 29.90 25.05 4.91
C SER A 260 28.90 24.46 5.92
N VAL A 261 28.67 23.14 5.98
CA VAL A 261 27.62 22.66 6.94
C VAL A 261 28.20 21.70 7.97
N GLU A 262 27.56 21.68 9.14
CA GLU A 262 27.79 20.64 10.17
C GLU A 262 26.56 19.71 10.25
N ALA A 263 26.85 18.42 10.38
CA ALA A 263 25.88 17.33 10.31
C ALA A 263 24.87 17.42 11.44
N GLY A 264 25.32 17.77 12.66
CA GLY A 264 24.46 17.72 13.86
C GLY A 264 23.14 18.46 13.68
N GLY A 265 22.01 17.72 13.71
CA GLY A 265 20.65 18.24 13.54
C GLY A 265 20.46 19.06 12.27
N LEU A 266 21.10 18.66 11.15
CA LEU A 266 21.11 19.51 9.92
C LEU A 266 19.73 19.52 9.26
N PHE A 267 18.99 18.40 9.35
CA PHE A 267 17.70 18.27 8.61
C PHE A 267 16.52 18.72 9.49
N GLU A 268 16.77 19.04 10.76
CA GLU A 268 15.67 19.37 11.72
C GLU A 268 14.91 20.62 11.27
N GLY A 269 13.58 20.52 11.20
CA GLY A 269 12.72 21.65 10.85
C GLY A 269 12.40 21.71 9.37
N PHE A 270 12.92 20.75 8.60
CA PHE A 270 12.69 20.76 7.12
C PHE A 270 11.66 19.68 6.78
N ASP A 271 10.66 20.05 5.99
CA ASP A 271 9.60 19.11 5.51
C ASP A 271 10.17 18.24 4.39
N LEU A 272 11.14 18.80 3.64
CA LEU A 272 11.78 18.13 2.48
C LEU A 272 13.28 18.46 2.47
N VAL A 273 14.10 17.43 2.22
CA VAL A 273 15.57 17.58 2.16
C VAL A 273 16.00 16.96 0.85
N LEU A 274 16.74 17.70 0.02
CA LEU A 274 17.27 17.21 -1.28
C LEU A 274 18.80 17.17 -1.19
N LEU A 275 19.40 15.98 -1.33
CA LEU A 275 20.86 15.83 -1.19
C LEU A 275 21.48 15.66 -2.57
N GLY A 276 22.32 16.61 -2.95
CA GLY A 276 23.03 16.66 -4.24
C GLY A 276 24.50 16.33 -4.08
N CYS A 277 24.99 15.37 -4.87
CA CYS A 277 26.39 14.98 -4.74
C CYS A 277 26.88 14.39 -6.06
N SER A 278 28.00 14.88 -6.56
CA SER A 278 28.70 14.29 -7.73
C SER A 278 29.58 13.12 -7.26
N THR A 279 29.90 12.22 -8.20
CA THR A 279 30.77 11.06 -7.95
C THR A 279 32.20 11.32 -8.43
N TRP A 280 33.18 11.01 -7.60
CA TRP A 280 34.62 11.28 -7.88
C TRP A 280 35.41 10.01 -7.59
N GLY A 281 36.72 10.13 -7.38
CA GLY A 281 37.61 8.96 -7.24
C GLY A 281 38.18 8.52 -8.58
N ASP A 282 39.50 8.59 -8.69
CA ASP A 282 40.31 8.07 -9.83
C ASP A 282 40.03 6.60 -10.11
N ASP A 283 39.98 5.80 -9.04
CA ASP A 283 40.09 4.31 -9.04
C ASP A 283 38.80 3.72 -8.43
N SER A 284 38.31 4.32 -7.36
CA SER A 284 37.07 3.77 -6.74
C SER A 284 35.84 4.63 -7.09
N ILE A 285 34.70 4.31 -6.43
CA ILE A 285 33.55 5.25 -6.28
C ILE A 285 33.86 6.09 -5.04
N GLU A 286 33.92 7.41 -5.18
CA GLU A 286 34.18 8.29 -4.03
C GLU A 286 33.19 9.42 -4.13
N LEU A 287 32.69 9.85 -2.98
CA LEU A 287 31.76 10.99 -2.92
C LEU A 287 32.59 12.27 -3.08
N GLN A 288 32.02 13.30 -3.68
CA GLN A 288 32.62 14.65 -3.74
C GLN A 288 33.14 15.05 -2.35
N ASP A 289 34.32 15.69 -2.33
CA ASP A 289 35.15 15.89 -1.12
C ASP A 289 34.35 16.59 0.00
N ASP A 290 33.67 17.68 -0.30
CA ASP A 290 32.92 18.42 0.76
C ASP A 290 31.79 17.56 1.36
N PHE A 291 31.34 16.51 0.64
CA PHE A 291 30.15 15.72 1.07
C PHE A 291 30.59 14.58 2.00
N ILE A 292 31.82 14.09 1.87
CA ILE A 292 32.27 12.89 2.66
C ILE A 292 31.99 13.10 4.16
N PRO A 293 32.42 14.20 4.83
CA PRO A 293 32.12 14.39 6.25
C PRO A 293 30.62 14.35 6.60
N LEU A 294 29.77 14.87 5.71
CA LEU A 294 28.29 14.82 5.89
C LEU A 294 27.78 13.37 5.81
N PHE A 295 28.22 12.63 4.79
CA PHE A 295 27.86 11.20 4.67
C PHE A 295 28.32 10.39 5.89
N ASP A 296 29.54 10.60 6.36
CA ASP A 296 30.10 9.84 7.51
C ASP A 296 29.28 10.11 8.79
N SER A 297 28.83 11.36 8.99
CA SER A 297 27.99 11.78 10.14
C SER A 297 26.48 11.85 9.79
N LEU A 298 25.97 11.03 8.86
CA LEU A 298 24.56 11.17 8.38
C LEU A 298 23.56 10.70 9.46
N GLU A 299 23.97 9.79 10.35
CA GLU A 299 23.11 9.32 11.47
C GLU A 299 22.90 10.45 12.50
N GLU A 300 23.51 11.63 12.31
CA GLU A 300 23.36 12.78 13.27
C GLU A 300 22.46 13.87 12.68
N THR A 301 22.02 13.73 11.43
CA THR A 301 21.33 14.85 10.71
C THR A 301 19.85 14.98 11.08
N GLY A 302 19.25 13.93 11.67
CA GLY A 302 17.80 13.90 11.89
C GLY A 302 17.07 13.35 10.66
N ALA A 303 17.57 12.24 10.13
CA ALA A 303 17.12 11.63 8.87
C ALA A 303 15.97 10.67 9.13
N GLN A 304 15.82 10.15 10.36
CA GLN A 304 14.75 9.15 10.60
C GLN A 304 13.39 9.81 10.39
N GLY A 305 12.56 9.22 9.49
CA GLY A 305 11.27 9.79 9.09
C GLY A 305 11.36 11.06 8.23
N ARG A 306 12.55 11.47 7.82
CA ARG A 306 12.70 12.67 6.96
C ARG A 306 12.32 12.29 5.53
N LYS A 307 11.66 13.20 4.85
CA LYS A 307 11.31 13.07 3.43
C LYS A 307 12.54 13.57 2.69
N VAL A 308 13.18 12.66 1.96
CA VAL A 308 14.44 12.98 1.26
C VAL A 308 14.36 12.52 -0.18
N ALA A 309 14.96 13.32 -1.07
CA ALA A 309 15.27 12.85 -2.44
C ALA A 309 16.70 13.21 -2.82
N CYS A 310 17.27 12.48 -3.75
CA CYS A 310 18.71 12.68 -4.07
C CYS A 310 18.91 13.04 -5.54
N PHE A 311 19.96 13.83 -5.80
CA PHE A 311 20.37 14.18 -7.18
C PHE A 311 21.90 14.21 -7.25
N GLY A 312 22.43 14.03 -8.46
CA GLY A 312 23.86 14.22 -8.66
C GLY A 312 24.25 14.13 -10.11
N CYS A 313 25.46 14.58 -10.38
CA CYS A 313 26.02 14.54 -11.75
C CYS A 313 27.09 13.46 -11.81
N GLY A 314 27.16 12.77 -12.95
CA GLY A 314 28.24 11.80 -13.15
C GLY A 314 28.46 11.56 -14.63
N ASP A 315 29.06 10.42 -14.95
CA ASP A 315 29.33 10.11 -16.37
C ASP A 315 29.26 8.60 -16.51
N SER A 316 28.40 8.14 -17.41
CA SER A 316 28.06 6.71 -17.53
C SER A 316 29.21 5.88 -18.10
N SER A 317 30.41 6.43 -18.31
CA SER A 317 31.57 5.58 -18.73
C SER A 317 32.15 4.92 -17.46
N TRP A 318 31.84 5.47 -16.27
CA TRP A 318 32.24 4.93 -14.97
C TRP A 318 31.26 3.80 -14.56
N GLU A 319 31.80 2.69 -14.07
CA GLU A 319 31.01 1.51 -13.62
C GLU A 319 29.99 1.90 -12.55
N TYR A 320 30.33 2.84 -11.66
CA TYR A 320 29.41 3.42 -10.66
C TYR A 320 28.88 4.77 -11.13
N PHE A 321 28.07 4.77 -12.20
CA PHE A 321 27.36 5.98 -12.69
C PHE A 321 26.57 6.64 -11.56
N CYS A 322 26.95 7.88 -11.18
CA CYS A 322 26.31 8.62 -10.07
C CYS A 322 26.24 7.68 -8.85
N GLY A 323 27.33 6.98 -8.56
CA GLY A 323 27.38 6.11 -7.40
C GLY A 323 27.20 6.85 -6.09
N ALA A 324 27.67 8.08 -6.00
CA ALA A 324 27.46 8.89 -4.79
C ALA A 324 25.95 8.94 -4.48
N VAL A 325 25.08 8.99 -5.51
CA VAL A 325 23.59 9.04 -5.33
C VAL A 325 23.09 7.68 -4.77
N ASP A 326 23.49 6.56 -5.37
CA ASP A 326 23.21 5.20 -4.81
C ASP A 326 23.63 5.11 -3.33
N ALA A 327 24.81 5.63 -2.98
CA ALA A 327 25.39 5.40 -1.65
C ALA A 327 24.59 6.22 -0.64
N ILE A 328 24.24 7.46 -1.03
CA ILE A 328 23.48 8.37 -0.14
C ILE A 328 22.04 7.82 0.05
N GLU A 329 21.44 7.24 -0.97
CA GLU A 329 20.06 6.69 -0.91
C GLU A 329 20.05 5.45 -0.02
N GLU A 330 21.04 4.56 -0.18
CA GLU A 330 21.17 3.31 0.61
C GLU A 330 21.28 3.66 2.12
N LYS A 331 22.15 4.59 2.47
CA LYS A 331 22.36 4.97 3.88
C LYS A 331 21.08 5.63 4.40
N LEU A 332 20.45 6.55 3.66
CA LEU A 332 19.20 7.23 4.14
C LEU A 332 18.07 6.20 4.36
N LYS A 333 17.88 5.26 3.43
CA LYS A 333 16.90 4.16 3.62
C LYS A 333 17.21 3.41 4.92
N ASN A 334 18.46 2.99 5.11
CA ASN A 334 18.89 2.21 6.30
C ASN A 334 18.68 3.02 7.58
N LEU A 335 18.66 4.35 7.50
CA LEU A 335 18.49 5.23 8.68
C LEU A 335 17.00 5.52 8.91
N GLY A 336 16.13 4.89 8.10
CA GLY A 336 14.64 5.05 8.16
C GLY A 336 14.11 6.38 7.61
N ALA A 337 14.84 7.01 6.69
CA ALA A 337 14.33 8.16 5.90
C ALA A 337 13.28 7.66 4.89
N GLU A 338 12.40 8.56 4.45
CA GLU A 338 11.47 8.27 3.36
C GLU A 338 12.03 8.81 2.04
N ILE A 339 12.45 7.88 1.16
CA ILE A 339 12.87 8.26 -0.21
C ILE A 339 11.59 8.58 -0.97
N VAL A 340 11.34 9.86 -1.16
CA VAL A 340 10.03 10.28 -1.73
C VAL A 340 10.02 10.17 -3.25
N GLN A 341 11.15 9.85 -3.87
CA GLN A 341 11.26 9.96 -5.35
C GLN A 341 12.60 9.33 -5.76
N ASP A 342 12.59 8.62 -6.89
CA ASP A 342 13.83 8.11 -7.51
C ASP A 342 14.79 9.29 -7.71
N GLY A 343 16.07 9.05 -7.45
CA GLY A 343 17.09 10.08 -7.57
C GLY A 343 17.21 10.56 -9.01
N LEU A 344 17.61 11.82 -9.16
CA LEU A 344 17.96 12.45 -10.44
C LEU A 344 19.44 12.19 -10.70
N ARG A 345 19.71 11.41 -11.75
CA ARG A 345 21.10 11.01 -12.06
C ARG A 345 21.47 11.69 -13.40
N ILE A 346 22.26 12.76 -13.36
CA ILE A 346 22.61 13.53 -14.58
C ILE A 346 23.90 12.98 -15.22
N ASP A 347 23.77 12.56 -16.49
CA ASP A 347 24.93 12.16 -17.33
C ASP A 347 25.42 13.41 -18.09
N GLY A 348 26.71 13.75 -17.97
CA GLY A 348 27.27 14.88 -18.73
C GLY A 348 26.85 16.23 -18.18
N ASP A 349 26.96 17.24 -19.02
CA ASP A 349 26.63 18.65 -18.71
C ASP A 349 25.16 18.77 -18.28
N PRO A 350 24.89 19.28 -17.05
CA PRO A 350 23.51 19.46 -16.57
C PRO A 350 22.74 20.56 -17.33
N ARG A 351 23.46 21.53 -17.89
CA ARG A 351 22.84 22.61 -18.75
C ARG A 351 22.16 21.95 -19.96
N ALA A 352 22.67 20.81 -20.43
CA ALA A 352 22.03 20.13 -21.58
C ALA A 352 20.89 19.23 -21.10
N ALA A 353 20.75 19.02 -19.78
CA ALA A 353 19.66 18.14 -19.25
C ALA A 353 18.71 19.00 -18.44
N ARG A 354 18.63 20.29 -18.75
CA ARG A 354 17.82 21.23 -17.93
C ARG A 354 16.33 20.81 -17.87
N ASP A 355 15.77 20.24 -18.94
CA ASP A 355 14.34 19.79 -18.93
C ASP A 355 14.19 18.61 -17.96
N ASP A 356 15.17 17.68 -17.93
CA ASP A 356 15.17 16.54 -16.97
C ASP A 356 15.20 17.05 -15.52
N ILE A 357 16.01 18.09 -15.26
CA ILE A 357 16.12 18.74 -13.92
C ILE A 357 14.80 19.41 -13.54
N VAL A 358 14.23 20.20 -14.47
CA VAL A 358 12.99 20.97 -14.16
C VAL A 358 11.82 19.99 -13.98
N GLY A 359 11.84 18.90 -14.75
CA GLY A 359 10.75 17.91 -14.65
C GLY A 359 10.82 17.16 -13.34
N TRP A 360 12.04 16.83 -12.93
CA TRP A 360 12.26 16.17 -11.62
C TRP A 360 11.78 17.09 -10.51
N ALA A 361 12.13 18.39 -10.61
CA ALA A 361 11.79 19.38 -9.55
C ALA A 361 10.26 19.56 -9.53
N HIS A 362 9.62 19.48 -10.68
CA HIS A 362 8.13 19.51 -10.74
C HIS A 362 7.53 18.31 -9.96
N ASP A 363 8.05 17.10 -10.21
CA ASP A 363 7.64 15.88 -9.47
C ASP A 363 7.86 16.00 -7.97
N VAL A 364 8.98 16.59 -7.49
CA VAL A 364 9.21 16.61 -6.01
C VAL A 364 8.18 17.53 -5.37
N ARG A 365 7.50 18.37 -6.16
CA ARG A 365 6.46 19.25 -5.57
C ARG A 365 5.31 18.42 -4.99
N GLY A 366 5.20 17.14 -5.39
CA GLY A 366 4.17 16.21 -4.89
C GLY A 366 4.70 15.30 -3.80
N ALA A 367 5.95 15.51 -3.39
CA ALA A 367 6.68 14.56 -2.52
C ALA A 367 6.12 14.57 -1.09
N ILE A 368 5.83 15.73 -0.52
CA ILE A 368 5.40 15.76 0.90
C ILE A 368 4.04 15.06 1.09
N ARG A 369 3.12 15.14 0.12
CA ARG A 369 1.76 14.54 0.25
C ARG A 369 1.74 13.15 -0.40
N ARG A 370 2.85 12.72 -1.00
CA ARG A 370 2.88 11.44 -1.77
C ARG A 370 2.42 10.23 -0.93
N TYR A 371 3.01 10.01 0.23
CA TYR A 371 2.65 8.81 1.03
C TYR A 371 1.14 8.82 1.38
N LEU A 372 0.66 9.93 1.95
CA LEU A 372 -0.77 10.12 2.29
C LEU A 372 -1.64 9.78 1.05
N MET A 373 -1.24 10.25 -0.14
CA MET A 373 -2.06 10.07 -1.37
C MET A 373 -2.07 8.61 -1.81
N VAL A 374 -0.97 7.89 -1.62
CA VAL A 374 -0.98 6.43 -1.87
C VAL A 374 -2.05 5.74 -0.97
N LEU A 375 -2.04 6.03 0.32
CA LEU A 375 -2.99 5.44 1.29
C LEU A 375 -4.42 5.85 0.93
N PHE A 376 -4.60 7.06 0.39
CA PHE A 376 -5.94 7.50 -0.07
C PHE A 376 -6.37 6.68 -1.29
N ARG A 377 -5.44 6.49 -2.22
CA ARG A 377 -5.85 5.79 -3.48
C ARG A 377 -6.17 4.33 -3.14
N ILE A 378 -5.41 3.73 -2.23
CA ILE A 378 -5.63 2.29 -1.90
C ILE A 378 -7.02 2.18 -1.22
N THR A 379 -7.35 3.17 -0.38
CA THR A 379 -8.63 3.15 0.36
C THR A 379 -9.76 3.27 -0.67
N SER A 380 -9.61 4.18 -1.63
CA SER A 380 -10.74 4.45 -2.55
C SER A 380 -10.91 3.30 -3.56
N VAL A 381 -9.82 2.69 -4.00
CA VAL A 381 -9.92 1.54 -4.95
C VAL A 381 -10.55 0.36 -4.19
N PHE A 382 -10.17 0.16 -2.93
CA PHE A 382 -10.71 -0.93 -2.09
C PHE A 382 -12.24 -0.86 -2.01
N TYR A 383 -12.77 0.31 -1.66
CA TYR A 383 -14.25 0.51 -1.49
C TYR A 383 -14.97 0.46 -2.84
N MET A 384 -14.33 0.96 -3.88
CA MET A 384 -15.01 0.94 -5.20
C MET A 384 -15.13 -0.52 -5.66
N LEU A 385 -14.10 -1.36 -5.47
CA LEU A 385 -14.19 -2.75 -5.96
C LEU A 385 -15.22 -3.56 -5.13
N GLN A 386 -15.57 -3.09 -3.94
CA GLN A 386 -16.45 -3.79 -3.00
C GLN A 386 -17.89 -3.27 -3.14
N LEU A 387 -18.04 -2.09 -3.70
CA LEU A 387 -19.36 -1.41 -3.74
C LEU A 387 -20.38 -2.25 -4.50
N PRO A 388 -20.10 -2.79 -5.71
CA PRO A 388 -21.11 -3.62 -6.38
C PRO A 388 -21.60 -4.78 -5.52
N TYR A 389 -20.67 -5.46 -4.82
CA TYR A 389 -21.02 -6.57 -3.87
C TYR A 389 -21.97 -6.04 -2.78
N ILE A 390 -21.58 -4.96 -2.11
CA ILE A 390 -22.46 -4.44 -1.04
C ILE A 390 -23.86 -4.13 -1.61
N ILE A 391 -23.92 -3.42 -2.73
CA ILE A 391 -25.24 -3.09 -3.32
C ILE A 391 -25.99 -4.37 -3.64
N TYR A 392 -25.34 -5.34 -4.30
CA TYR A 392 -26.00 -6.64 -4.56
C TYR A 392 -26.53 -7.29 -3.26
N PHE A 393 -25.65 -7.40 -2.28
CA PHE A 393 -26.05 -7.93 -0.95
C PHE A 393 -27.31 -7.23 -0.42
N LEU A 394 -27.31 -5.91 -0.37
CA LEU A 394 -28.46 -5.15 0.19
C LEU A 394 -29.73 -5.45 -0.61
N LEU A 395 -29.65 -5.52 -1.92
CA LEU A 395 -30.85 -5.66 -2.77
C LEU A 395 -31.32 -7.12 -2.76
N GLU A 396 -30.41 -8.07 -2.81
CA GLU A 396 -30.87 -9.47 -2.76
C GLU A 396 -31.39 -9.85 -1.35
N SER A 397 -30.79 -9.36 -0.27
CA SER A 397 -31.27 -9.64 1.12
C SER A 397 -32.69 -9.09 1.25
N SER A 398 -33.01 -8.06 0.48
CA SER A 398 -34.29 -7.34 0.60
C SER A 398 -35.29 -7.95 -0.37
N ARG A 399 -34.83 -8.88 -1.22
CA ARG A 399 -35.61 -9.56 -2.29
C ARG A 399 -36.06 -8.58 -3.39
N VAL A 400 -35.31 -7.50 -3.62
CA VAL A 400 -35.53 -6.62 -4.81
C VAL A 400 -35.02 -7.31 -6.08
N LEU A 401 -33.98 -8.14 -5.96
CA LEU A 401 -33.54 -8.94 -7.15
C LEU A 401 -32.73 -10.16 -6.73
N ASP A 402 -32.68 -11.12 -7.63
CA ASP A 402 -31.93 -12.37 -7.48
C ASP A 402 -31.30 -12.61 -8.85
N ASN A 403 -29.98 -12.52 -8.92
CA ASN A 403 -29.28 -12.65 -10.21
C ASN A 403 -27.94 -13.34 -9.95
N PRO A 404 -27.87 -14.65 -10.19
CA PRO A 404 -26.66 -15.41 -9.91
C PRO A 404 -25.41 -14.90 -10.65
N THR A 405 -25.61 -14.35 -11.84
CA THR A 405 -24.51 -13.77 -12.66
C THR A 405 -23.93 -12.57 -11.92
N LEU A 406 -24.80 -11.73 -11.39
CA LEU A 406 -24.33 -10.54 -10.64
C LEU A 406 -23.69 -11.00 -9.32
N SER A 407 -24.32 -11.94 -8.64
CA SER A 407 -23.80 -12.48 -7.37
C SER A 407 -22.36 -12.92 -7.60
N PHE A 408 -22.10 -13.57 -8.72
CA PHE A 408 -20.79 -14.16 -9.04
C PHE A 408 -19.78 -13.06 -9.35
N LEU A 409 -20.17 -12.11 -10.21
CA LEU A 409 -19.24 -11.06 -10.72
C LEU A 409 -18.93 -10.06 -9.60
N THR A 410 -19.95 -9.68 -8.80
CA THR A 410 -19.66 -8.68 -7.76
C THR A 410 -18.79 -9.33 -6.70
N THR A 411 -18.97 -10.63 -6.43
CA THR A 411 -18.16 -11.35 -5.41
C THR A 411 -16.74 -11.53 -5.97
N TRP A 412 -16.62 -11.84 -7.24
CA TRP A 412 -15.23 -12.01 -7.76
C TRP A 412 -14.47 -10.69 -7.63
N LEU A 413 -15.16 -9.61 -7.95
CA LEU A 413 -14.54 -8.26 -7.97
C LEU A 413 -14.17 -7.84 -6.55
N ALA A 414 -14.98 -8.24 -5.58
CA ALA A 414 -14.71 -7.83 -4.18
C ALA A 414 -13.49 -8.61 -3.67
N ILE A 415 -13.32 -9.86 -4.12
CA ILE A 415 -12.16 -10.70 -3.68
C ILE A 415 -10.89 -10.06 -4.27
N SER A 416 -11.01 -9.44 -5.47
CA SER A 416 -9.90 -8.86 -6.26
C SER A 416 -9.31 -7.64 -5.56
N ASN A 417 -9.98 -7.08 -4.54
CA ASN A 417 -9.30 -5.95 -3.83
C ASN A 417 -8.14 -6.50 -2.98
N SER A 418 -8.09 -7.82 -2.74
CA SER A 418 -6.93 -8.47 -2.04
C SER A 418 -5.68 -8.49 -2.93
N PHE A 419 -5.83 -8.17 -4.21
CA PHE A 419 -4.69 -8.08 -5.16
C PHE A 419 -4.34 -6.61 -5.45
N CYS A 420 -5.32 -5.72 -5.37
CA CYS A 420 -5.09 -4.29 -5.73
C CYS A 420 -4.31 -3.58 -4.60
N ASN A 421 -4.64 -3.85 -3.34
CA ASN A 421 -3.94 -3.25 -2.18
C ASN A 421 -2.43 -3.43 -2.37
N PRO A 422 -1.88 -4.65 -2.50
CA PRO A 422 -0.44 -4.81 -2.66
C PRO A 422 0.14 -4.18 -3.93
N VAL A 423 -0.47 -4.42 -5.10
CA VAL A 423 0.01 -3.86 -6.40
C VAL A 423 0.12 -2.32 -6.37
N ILE A 424 -0.90 -1.61 -5.86
CA ILE A 424 -0.82 -0.12 -5.77
C ILE A 424 0.32 0.31 -4.84
N TYR A 425 0.39 -0.25 -3.61
CA TYR A 425 1.38 0.16 -2.58
C TYR A 425 2.79 -0.09 -3.12
N ALA A 426 3.04 -1.32 -3.58
CA ALA A 426 4.35 -1.76 -4.10
C ALA A 426 4.86 -0.84 -5.23
N LEU A 427 4.01 -0.53 -6.21
CA LEU A 427 4.33 0.35 -7.37
C LEU A 427 4.33 1.87 -7.05
N SER A 428 3.89 2.32 -5.89
CA SER A 428 3.75 3.78 -5.67
C SER A 428 4.82 4.28 -4.68
N ASP A 429 5.52 3.37 -4.02
CA ASP A 429 6.54 3.74 -3.01
C ASP A 429 7.93 3.58 -3.62
N SER A 430 8.67 4.67 -3.64
CA SER A 430 10.03 4.66 -4.24
C SER A 430 10.95 3.83 -3.31
N THR A 431 10.86 4.03 -1.98
CA THR A 431 11.62 3.22 -0.99
C THR A 431 11.32 1.72 -1.23
N PHE A 432 10.04 1.37 -1.46
CA PHE A 432 9.60 -0.03 -1.73
C PHE A 432 10.14 -0.52 -3.09
N ARG A 433 9.90 0.21 -4.19
CA ARG A 433 10.46 -0.20 -5.51
C ARG A 433 12.00 -0.25 -5.42
N LEU A 434 12.61 0.53 -4.50
CA LEU A 434 14.09 0.54 -4.24
C LEU A 434 14.45 -0.69 -3.38
N GLY A 435 13.54 -1.10 -2.50
CA GLY A 435 13.71 -2.36 -1.76
C GLY A 435 13.42 -3.58 -2.65
N LEU A 436 12.43 -3.46 -3.55
CA LEU A 436 11.95 -4.56 -4.45
C LEU A 436 13.04 -4.86 -5.45
N ARG A 437 13.70 -3.82 -6.00
CA ARG A 437 14.70 -4.04 -7.08
C ARG A 437 15.99 -4.60 -6.47
N ARG A 438 16.53 -3.99 -5.40
CA ARG A 438 17.81 -4.44 -4.76
C ARG A 438 17.68 -5.87 -4.18
N LEU A 439 16.49 -6.26 -3.66
CA LEU A 439 16.27 -7.67 -3.20
C LEU A 439 16.17 -8.59 -4.42
N SER A 440 15.45 -8.16 -5.49
CA SER A 440 15.22 -8.96 -6.72
C SER A 440 16.51 -9.10 -7.55
N GLU A 441 17.44 -8.15 -7.44
CA GLU A 441 18.76 -8.25 -8.12
C GLU A 441 19.59 -9.39 -7.51
N THR A 442 19.44 -9.62 -6.20
CA THR A 442 20.10 -10.73 -5.45
C THR A 442 19.35 -12.06 -5.73
N MET A 443 18.04 -11.99 -5.99
CA MET A 443 17.20 -13.20 -6.29
C MET A 443 17.21 -13.48 -7.80
N CYS A 444 17.78 -12.56 -8.60
CA CYS A 444 17.93 -12.79 -10.06
C CYS A 444 19.15 -13.69 -10.35
N THR A 445 20.19 -13.58 -9.52
CA THR A 445 21.43 -14.40 -9.61
C THR A 445 21.11 -15.87 -9.28
N SER A 446 20.24 -16.11 -8.28
CA SER A 446 19.83 -17.48 -7.85
C SER A 446 18.40 -17.76 -8.32
N1 EN6 B . -21.25 -21.29 -8.16
N3 EN6 B . -21.26 -25.48 -7.62
C4 EN6 B . -23.69 -17.81 -7.89
C5 EN6 B . -22.41 -17.81 -7.30
C6 EN6 B . -21.61 -18.93 -7.39
C7 EN6 B . -21.79 -16.77 -6.56
C8 EN6 B . -20.58 -17.12 -6.09
C10 EN6 B . -18.21 -16.27 -5.54
C13 EN6 B . -15.44 -16.09 -5.97
C15 EN6 B . -17.30 -16.70 -4.59
C17 EN6 B . -21.57 -22.59 -7.98
C20 EN6 B . -18.04 -22.60 -9.12
C21 EN6 B . -22.89 -23.05 -7.46
C22 EN6 B . -20.34 -24.80 -8.30
C24 EN6 B . -20.23 -27.44 -6.55
C1 EN6 B . -22.06 -20.12 -8.03
C2 EN6 B . -23.31 -20.08 -8.66
C3 EN6 B . -24.11 -18.94 -8.56
S1 EN6 B . -20.12 -18.72 -6.58
C9 EN6 B . -19.70 -16.27 -5.23
C11 EN6 B . -17.71 -15.71 -6.71
C12 EN6 B . -16.34 -15.63 -6.92
C14 EN6 B . -15.93 -16.60 -4.78
C16 EN6 B . -15.00 -17.17 -3.72
F1 EN6 B . -15.18 -18.43 -3.51
F2 EN6 B . -15.15 -16.63 -2.54
F3 EN6 B . -13.71 -17.06 -4.02
C18 EN6 B . -20.46 -23.34 -8.32
C19 EN6 B . -19.45 -22.40 -8.66
N2 EN6 B . -19.92 -21.18 -8.60
O1 EN6 B . -22.73 -23.68 -6.19
O2 EN6 B . -19.45 -25.37 -8.95
C23 EN6 B . -21.28 -26.94 -7.51
O3 EN6 B . -20.43 -26.91 -5.25
N1 FMN C . 31.17 10.09 -12.67
C2 FMN C . 30.53 8.98 -12.26
O2 FMN C . 29.34 8.77 -12.57
N3 FMN C . 31.13 8.06 -11.55
C4 FMN C . 32.41 8.14 -11.15
O4 FMN C . 32.94 7.20 -10.48
C4A FMN C . 33.20 9.33 -11.54
N5 FMN C . 34.50 9.51 -11.18
C5A FMN C . 35.21 10.61 -11.59
C6 FMN C . 36.55 10.77 -11.26
C7 FMN C . 37.26 11.91 -11.66
C7M FMN C . 38.68 12.12 -11.30
C8 FMN C . 36.58 12.93 -12.47
C8M FMN C . 37.32 14.19 -12.93
C9 FMN C . 35.24 12.77 -12.81
C9A FMN C . 34.51 11.66 -12.41
N10 FMN C . 33.14 11.49 -12.75
C10 FMN C . 32.46 10.33 -12.34
C1' FMN C . 32.40 12.49 -13.57
C2' FMN C . 31.90 13.59 -12.64
O2' FMN C . 31.09 13.05 -11.61
C3' FMN C . 31.12 14.61 -13.40
O3' FMN C . 32.08 15.32 -14.13
C4' FMN C . 30.33 15.61 -12.55
O4' FMN C . 29.69 16.57 -13.37
C5' FMN C . 31.16 16.42 -11.58
O5' FMN C . 30.21 17.30 -10.95
P FMN C . 30.62 18.45 -9.97
O1P FMN C . 31.10 19.54 -10.89
O2P FMN C . 29.30 18.85 -9.35
O3P FMN C . 31.57 17.86 -8.97
C18 OLC D . -20.04 -6.06 -11.82
C10 OLC D . -16.55 -2.30 -17.52
C9 OLC D . -16.35 -3.58 -17.90
C17 OLC D . -21.06 -4.97 -12.00
C11 OLC D . -17.93 -1.69 -17.28
C8 OLC D . -17.47 -4.59 -18.15
C24 OLC D . -27.98 -9.70 -16.94
C16 OLC D . -20.78 -4.14 -13.24
C12 OLC D . -18.27 -1.73 -15.79
C7 OLC D . -17.20 -5.90 -17.42
C15 OLC D . -19.93 -2.87 -13.01
C13 OLC D . -19.71 -2.11 -15.48
C6 OLC D . -18.36 -6.89 -17.47
C14 OLC D . -20.13 -1.73 -14.05
C5 OLC D . -19.61 -6.29 -16.86
C4 OLC D . -20.45 -7.25 -16.05
C3 OLC D . -21.71 -7.70 -16.75
C2 OLC D . -22.94 -7.38 -15.93
C21 OLC D . -26.31 -7.93 -16.68
C1 OLC D . -23.98 -8.45 -16.10
C22 OLC D . -26.68 -9.16 -17.53
O19 OLC D . -23.68 -9.54 -16.59
O25 OLC D . -27.62 -10.50 -15.82
O23 OLC D . -26.64 -8.83 -18.98
O20 OLC D . -25.35 -8.23 -15.65
C18 OLC E . -25.78 -4.65 -8.27
C10 OLC E . -18.92 0.73 -8.84
C9 OLC E . -18.17 1.82 -9.03
C17 OLC E . -24.48 -4.14 -8.87
C11 OLC E . -20.43 0.71 -8.97
C8 OLC E . -18.81 3.10 -9.43
C24 OLC E . -12.62 12.51 -6.29
C16 OLC E . -24.63 -2.67 -9.18
C12 OLC E . -20.82 0.11 -10.33
C7 OLC E . -17.78 4.20 -9.46
C15 OLC E . -23.37 -1.88 -9.17
C13 OLC E . -22.33 -0.02 -10.46
C6 OLC E . -17.03 4.16 -10.77
C14 OLC E . -22.90 -1.43 -10.51
C5 OLC E . -16.13 5.38 -10.88
C4 OLC E . -15.02 5.55 -9.83
C3 OLC E . -14.76 7.01 -9.49
C2 OLC E . -15.38 7.53 -8.20
C21 OLC E . -13.53 10.08 -5.80
C1 OLC E . -14.32 8.12 -7.29
C22 OLC E . -12.52 10.99 -6.53
O19 OLC E . -13.32 7.46 -7.01
O25 OLC E . -13.83 12.96 -5.66
O23 OLC E . -11.20 10.56 -6.18
O20 OLC E . -14.50 9.46 -6.70
C8 OLC F . -16.01 -2.66 -12.31
C24 OLC F . -9.03 6.06 -6.99
C7 OLC F . -16.29 -1.39 -11.47
C6 OLC F . -15.24 -1.24 -10.36
C5 OLC F . -14.73 0.18 -10.10
C4 OLC F . -13.20 0.33 -10.15
C3 OLC F . -12.84 1.78 -9.83
C2 OLC F . -11.35 2.04 -9.74
C21 OLC F . -10.14 5.67 -9.24
C1 OLC F . -11.05 3.37 -9.07
C22 OLC F . -8.88 6.15 -8.52
O19 OLC F . -11.58 3.66 -8.00
O25 OLC F . -9.06 7.35 -6.30
O23 OLC F . -7.72 5.43 -9.05
O20 OLC F . -10.08 4.31 -9.66
C9 OLC G . -23.17 6.23 8.41
C8 OLC G . -23.43 5.78 6.97
C24 OLC G . -18.19 15.33 7.13
C7 OLC G . -22.11 5.55 6.26
C6 OLC G . -22.21 5.51 4.73
C5 OLC G . -21.14 6.37 4.02
C4 OLC G . -20.51 7.42 4.94
C3 OLC G . -20.87 8.83 4.51
C2 OLC G . -20.82 9.80 5.70
C21 OLC G . -18.84 13.09 6.23
C1 OLC G . -19.93 10.98 5.43
C22 OLC G . -18.90 14.02 7.42
O19 OLC G . -19.30 11.09 4.37
O25 OLC G . -18.92 16.03 6.10
O23 OLC G . -20.25 14.31 7.75
O20 OLC G . -19.76 12.02 6.43
C9 OLC H . -28.66 1.55 -4.95
C8 OLC H . -27.94 2.40 -3.91
C24 OLC H . -18.45 10.41 0.84
C7 OLC H . -26.60 3.00 -4.41
C6 OLC H . -25.72 3.60 -3.27
C5 OLC H . -24.61 4.54 -3.76
C4 OLC H . -23.43 4.63 -2.81
C3 OLC H . -22.77 6.01 -2.78
C2 OLC H . -21.66 6.10 -1.71
C21 OLC H . -20.51 9.14 0.26
C1 OLC H . -21.88 7.20 -0.68
C22 OLC H . -19.30 9.87 -0.30
O19 OLC H . -22.59 7.00 0.31
O25 OLC H . -17.22 10.99 0.36
O23 OLC H . -18.51 8.97 -1.05
O20 OLC H . -21.23 8.52 -0.81
C24 OLC I . -24.77 -15.19 -19.53
C5 OLC I . -17.18 -10.52 -18.84
C4 OLC I . -18.54 -11.13 -19.19
C3 OLC I . -19.66 -10.18 -18.77
C2 OLC I . -20.99 -10.48 -19.47
C21 OLC I . -23.49 -13.26 -18.59
C1 OLC I . -21.59 -11.75 -18.96
C22 OLC I . -24.66 -13.66 -19.45
O19 OLC I . -20.83 -12.63 -18.58
O25 OLC I . -25.84 -15.66 -18.67
O23 OLC I . -25.83 -13.06 -18.86
O20 OLC I . -23.05 -11.93 -18.93
C24 OLC J . -27.32 -22.73 16.97
C6 OLC J . -17.51 -20.72 15.96
C5 OLC J . -18.39 -21.95 16.07
C4 OLC J . -19.61 -21.73 16.94
C3 OLC J . -20.40 -23.03 17.06
C2 OLC J . -21.78 -22.81 17.66
C21 OLC J . -25.23 -24.07 16.57
C1 OLC J . -22.80 -23.64 16.92
C22 OLC J . -26.55 -24.00 17.34
O19 OLC J . -22.51 -24.16 15.84
O25 OLC J . -28.25 -22.41 18.01
O23 OLC J . -27.35 -25.14 17.00
O20 OLC J . -24.14 -23.80 17.47
C1 PEG K . -32.10 -13.71 14.77
O1 PEG K . -32.40 -12.34 14.55
C2 PEG K . -33.34 -14.54 15.02
O2 PEG K . -33.53 -15.53 14.01
C3 PEG K . -33.23 -15.09 12.69
C4 PEG K . -34.18 -15.68 11.71
O4 PEG K . -33.78 -15.49 10.36
C10 OLC L . -3.67 17.53 -0.88
C9 OLC L . -3.61 16.50 -0.03
C11 OLC L . -3.98 18.95 -0.53
C8 OLC L . -3.87 16.47 1.44
C24 OLC L . 1.92 12.34 5.57
C16 OLC L . -6.29 22.63 0.47
C12 OLC L . -3.61 19.70 -1.84
C7 OLC L . -2.81 17.15 2.28
C15 OLC L . -5.61 22.91 -0.84
C13 OLC L . -3.82 21.23 -1.71
C6 OLC L . -1.69 16.24 2.72
C14 OLC L . -5.29 21.71 -1.74
C5 OLC L . -0.64 17.21 3.30
C4 OLC L . 0.74 16.63 3.45
C3 OLC L . 0.99 16.14 4.89
C2 OLC L . 2.44 15.67 5.02
C21 OLC L . 3.72 13.36 7.20
C1 OLC L . 2.91 15.57 6.42
C22 OLC L . 3.10 12.12 6.51
O19 OLC L . 3.46 16.53 6.88
O25 OLC L . 0.73 11.92 6.18
O23 OLC L . 4.09 11.48 5.73
O20 OLC L . 2.75 14.39 7.28
C24 OLC M . -3.95 3.50 16.89
C4 OLC M . -11.96 2.93 14.19
C3 OLC M . -10.99 3.97 14.78
C2 OLC M . -9.51 3.73 14.40
C21 OLC M . -6.01 3.70 15.41
C1 OLC M . -8.52 3.98 15.55
C22 OLC M . -4.75 4.40 15.95
O19 OLC M . -8.90 3.75 16.68
O25 OLC M . -3.09 4.29 17.73
O23 OLC M . -3.87 4.73 14.89
O20 OLC M . -7.15 4.52 15.42
C24 OLC N . -9.14 0.09 18.62
C2 OLC N . -13.90 -1.42 16.44
C21 OLC N . -10.43 -1.21 16.87
C1 OLC N . -12.60 -1.72 15.66
C22 OLC N . -10.27 0.11 17.60
O19 OLC N . -12.61 -2.57 14.84
O25 OLC N . -8.93 1.39 19.19
O23 OLC N . -9.96 1.11 16.64
O20 OLC N . -11.33 -1.01 15.80
CAC FLC O . 1.86 12.47 -5.78
CA FLC O . 0.44 12.10 -5.36
CB FLC O . -0.71 12.79 -6.09
CBC FLC O . -0.28 13.09 -7.54
CG FLC O . -2.07 12.09 -6.06
CGC FLC O . -2.17 10.61 -6.37
OA1 FLC O . 2.66 11.55 -6.02
OA2 FLC O . 2.19 13.65 -5.87
OB1 FLC O . 0.06 12.16 -8.29
OB2 FLC O . -0.33 14.25 -7.88
OG1 FLC O . -3.13 10.28 -6.98
OG2 FLC O . -1.34 9.79 -5.95
OHB FLC O . -0.96 14.00 -5.38
C8 OLC P . -24.02 1.19 3.76
C24 OLC P . -13.08 6.29 -0.28
C7 OLC P . -22.53 1.52 3.59
C6 OLC P . -22.00 1.14 2.18
C5 OLC P . -20.47 1.32 2.04
C4 OLC P . -20.06 2.06 0.76
C3 OLC P . -19.34 3.40 0.98
C2 OLC P . -18.19 3.64 -0.03
C21 OLC P . -15.09 5.22 0.83
C1 OLC P . -17.52 4.99 0.18
C22 OLC P . -14.18 6.45 0.77
O19 OLC P . -18.15 5.95 0.65
O25 OLC P . -12.29 7.51 -0.22
O23 OLC P . -14.91 7.65 0.51
O20 OLC P . -16.12 5.21 -0.18
C24 OLC Q . -1.44 5.62 -7.58
C3 OLC Q . -6.54 1.55 -10.54
C2 OLC Q . -5.40 1.13 -9.60
C21 OLC Q . -2.85 3.99 -8.89
C1 OLC Q . -4.22 2.08 -9.69
C22 OLC Q . -2.87 5.14 -7.88
O19 OLC Q . -3.29 1.77 -10.43
O25 OLC Q . -1.17 5.77 -6.16
O23 OLC Q . -3.65 6.21 -8.44
O20 OLC Q . -4.12 3.35 -8.92
C10 OLC R . -16.73 -15.95 -21.06
C9 OLC R . -17.01 -17.22 -21.34
C11 OLC R . -17.52 -15.12 -20.06
C8 OLC R . -18.16 -17.96 -20.67
C24 OLC R . -20.43 -27.72 -15.85
C7 OLC R . -17.70 -19.28 -20.05
C6 OLC R . -17.37 -20.38 -21.08
C5 OLC R . -18.15 -21.66 -20.79
C4 OLC R . -17.28 -22.81 -20.35
C3 OLC R . -18.14 -23.95 -19.82
C2 OLC R . -17.52 -24.66 -18.60
C21 OLC R . -18.36 -27.01 -17.03
C1 OLC R . -18.45 -24.53 -17.38
C22 OLC R . -18.97 -28.09 -16.14
O19 OLC R . -18.86 -23.44 -16.94
O25 OLC R . -21.12 -28.88 -15.41
O23 OLC R . -18.88 -29.37 -16.77
O20 OLC R . -18.88 -25.73 -16.68
C9 OLC S . -20.45 -7.75 19.23
C8 OLC S . -21.70 -8.45 18.69
C24 OLC S . -30.45 -17.34 18.81
C7 OLC S . -21.60 -9.96 18.95
C6 OLC S . -22.86 -10.73 18.56
C5 OLC S . -22.59 -12.23 18.47
C4 OLC S . -23.89 -13.04 18.50
C3 OLC S . -23.62 -14.51 18.81
C2 OLC S . -24.65 -15.46 18.20
C21 OLC S . -28.16 -16.36 19.35
C1 OLC S . -26.03 -15.19 18.75
C22 OLC S . -29.53 -16.13 18.71
O19 OLC S . -26.23 -14.28 19.53
O25 OLC S . -29.68 -18.55 18.75
O23 OLC S . -30.15 -14.99 19.31
O20 OLC S . -27.16 -16.02 18.38
C24 OLC T . 3.02 -6.91 -7.45
C2 OLC T . 1.20 -10.27 -11.16
C21 OLC T . 2.16 -8.96 -8.62
C1 OLC T . 2.13 -10.93 -10.16
C22 OLC T . 3.39 -8.21 -8.15
O19 OLC T . 2.64 -11.98 -10.44
O25 OLC T . 3.91 -6.62 -6.36
O23 OLC T . 4.10 -9.03 -7.24
O20 OLC T . 2.45 -10.34 -8.87
C24 OLC U . 8.87 -13.20 -2.52
C2 OLC U . 6.57 -13.65 -7.00
C21 OLC U . 6.88 -13.90 -3.88
C1 OLC U . 6.21 -14.85 -6.12
C22 OLC U . 8.32 -14.17 -3.56
O19 OLC U . 5.72 -15.81 -6.66
O25 OLC U . 10.03 -13.85 -1.93
O23 OLC U . 8.36 -15.48 -3.01
O20 OLC U . 6.37 -14.99 -4.66
C18 OLC V . -10.29 -3.74 -11.72
C10 OLC V . -6.52 -11.28 -14.34
C9 OLC V . -6.84 -12.60 -14.39
C17 OLC V . -9.46 -4.63 -10.80
C11 OLC V . -7.42 -10.23 -13.70
C8 OLC V . -8.11 -13.18 -13.80
C24 OLC V . -12.10 -22.59 -19.48
C16 OLC V . -9.63 -6.13 -11.01
C12 OLC V . -6.64 -9.18 -12.93
C7 OLC V . -8.66 -14.30 -14.67
C15 OLC V . -8.44 -6.87 -10.35
C13 OLC V . -7.42 -8.79 -11.66
C6 OLC V . -9.27 -13.77 -15.98
C14 OLC V . -7.35 -7.30 -11.34
C5 OLC V . -10.27 -14.77 -16.59
C4 OLC V . -10.19 -14.82 -18.13
C3 OLC V . -9.43 -16.08 -18.65
C2 OLC V . -10.40 -17.27 -18.86
C21 OLC V . -10.13 -20.94 -19.67
C1 OLC V . -9.65 -18.58 -19.00
C22 OLC V . -10.67 -22.26 -19.07
O19 OLC V . -8.48 -18.58 -19.32
O25 OLC V . -12.39 -23.96 -19.18
O23 OLC V . -9.85 -23.34 -19.51
O20 OLC V . -10.30 -19.86 -18.76
C1 PEG W . -43.50 -8.26 4.60
O1 PEG W . -44.49 -8.87 5.37
C2 PEG W . -42.34 -7.85 5.43
O2 PEG W . -41.54 -6.98 4.64
C3 PEG W . -41.74 -5.61 4.91
C4 PEG W . -40.46 -5.04 5.46
O4 PEG W . -40.65 -3.83 6.16
C1 PEG X . 29.73 -5.39 -9.67
O1 PEG X . 29.25 -6.71 -9.75
C2 PEG X . 29.03 -4.48 -10.64
O2 PEG X . 29.36 -3.13 -10.34
C3 PEG X . 28.68 -2.21 -11.20
C4 PEG X . 27.60 -1.51 -10.44
O4 PEG X . 26.44 -1.33 -11.23
C1 PEG Y . 21.55 0.69 -8.75
O1 PEG Y . 21.32 0.03 -7.49
C2 PEG Y . 21.31 2.19 -8.68
O2 PEG Y . 20.29 2.60 -9.59
C3 PEG Y . 19.03 2.91 -8.97
C4 PEG Y . 18.11 3.61 -9.93
O4 PEG Y . 18.53 3.51 -11.29
C1 PEG Z . 27.50 -6.51 -5.54
O1 PEG Z . 28.79 -6.89 -5.12
C2 PEG Z . 26.73 -7.67 -6.08
O2 PEG Z . 26.86 -8.78 -5.20
C3 PEG Z . 26.14 -9.94 -5.61
C4 PEG Z . 24.67 -9.77 -5.36
O4 PEG Z . 23.97 -9.18 -6.44
C1 PEG AA . 10.76 13.57 12.32
O1 PEG AA . 10.25 12.84 13.48
C2 PEG AA . 9.73 13.73 11.22
O2 PEG AA . 10.04 14.91 10.47
C3 PEG AA . 9.07 15.94 10.58
C4 PEG AA . 9.10 16.81 9.34
O4 PEG AA . 8.60 18.13 9.57
C1 PEG BA . -40.59 -9.06 -2.45
O1 PEG BA . -40.81 -10.32 -1.82
C2 PEG BA . -40.70 -7.92 -1.47
O2 PEG BA . -39.77 -6.90 -1.81
C3 PEG BA . -39.33 -6.12 -0.69
C4 PEG BA . -39.23 -4.68 -1.09
O4 PEG BA . -39.81 -4.45 -2.38
C1 PEG CA . 0.16 28.34 0.67
O1 PEG CA . -1.25 28.22 0.58
C2 PEG CA . 0.83 28.02 -0.65
O2 PEG CA . 2.14 28.58 -0.67
C3 PEG CA . 2.32 29.65 -1.60
C4 PEG CA . 2.90 30.84 -0.88
O4 PEG CA . 1.98 31.89 -0.72
#